data_8AOZ
#
_entry.id   8AOZ
#
_cell.length_a   78.847
_cell.length_b   78.847
_cell.length_c   110.981
_cell.angle_alpha   90.000
_cell.angle_beta   90.000
_cell.angle_gamma   90.000
#
_symmetry.space_group_name_H-M   'P 41 21 2'
#
loop_
_entity.id
_entity.type
_entity.pdbx_description
1 polymer "Beta-ribofuranosylaminobenzene 5'-phosphate synthase"
2 non-polymer DIPHOSPHATE
3 non-polymer '4-azanyl-3-[(2~{S},3~{R},4~{S},5~{R})-3,4-bis(oxidanyl)-5-(phosphonooxymethyl)oxolan-2-yl]-1~{H}-pyrazole-5-carboxylic acid'
4 non-polymer GLYCEROL
5 non-polymer 1,2-ETHANEDIOL
6 non-polymer 'SODIUM ION'
7 water water
#
_entity_poly.entity_id   1
_entity_poly.type   'polypeptide(L)'
_entity_poly.pdbx_seq_one_letter_code
;MALDRPDRSGAVRVSAPARLSFTAISLDGSSLRRNGIAAMAVDRPGLTAEVREAADGIVAVTGTAEETARELAAALEALR
KLWDGPAARVDVLEALPQHSGFGSKTSTLLAVGHAYGRLCGVEPDLRELARTLGRGRTSGASTGLSAYGGFLVDGGHVNP
PDFAEAPQKYLRPSRFAQQVAPPKPVVRLDFPDWPVLVLLTHGRHLGGQEELEWFHSVAPIPAEESWRTSHLVFMGLAPA
VLEQDFDAFCAAVNEITFTGHFKQAQIAFQGDAVADVLEAGRAAPSVDAIALSVTGPACFAFTKRPEDAERWAWELKNRG
LIRDFWFTRANNQGLATTVVS
;
_entity_poly.pdbx_strand_id   AAA
#
# COMPACT_ATOMS: atom_id res chain seq x y z
N GLY A 10 -4.05 -23.49 21.29
CA GLY A 10 -3.57 -23.26 19.90
C GLY A 10 -3.51 -21.78 19.54
N ALA A 11 -2.69 -21.41 18.56
CA ALA A 11 -2.62 -20.05 17.98
C ALA A 11 -2.73 -20.17 16.47
N VAL A 12 -3.24 -19.14 15.81
CA VAL A 12 -3.14 -18.97 14.34
C VAL A 12 -2.05 -17.92 14.11
N ARG A 13 -0.98 -18.30 13.43
CA ARG A 13 0.13 -17.42 13.05
C ARG A 13 -0.15 -16.91 11.64
N VAL A 14 -0.30 -15.60 11.51
CA VAL A 14 -0.53 -14.95 10.18
C VAL A 14 0.66 -14.05 9.82
N SER A 15 1.11 -14.17 8.56
CA SER A 15 2.10 -13.31 7.88
C SER A 15 1.41 -12.60 6.72
N ALA A 16 1.69 -11.31 6.53
CA ALA A 16 1.15 -10.58 5.36
C ALA A 16 2.21 -9.61 4.87
N PRO A 17 2.24 -9.35 3.55
CA PRO A 17 3.14 -8.38 2.97
C PRO A 17 2.68 -6.92 3.15
N ALA A 18 3.63 -5.97 3.05
CA ALA A 18 3.30 -4.55 2.89
C ALA A 18 2.75 -4.32 1.49
N ARG A 19 2.02 -3.22 1.34
CA ARG A 19 1.53 -2.68 0.06
C ARG A 19 2.38 -1.46 -0.32
N LEU A 20 3.01 -1.49 -1.49
CA LEU A 20 3.69 -0.33 -2.08
C LEU A 20 2.79 0.16 -3.21
N SER A 21 2.47 1.44 -3.20
CA SER A 21 1.56 2.04 -4.20
C SER A 21 2.38 2.87 -5.19
N PHE A 22 2.17 2.63 -6.49
CA PHE A 22 2.82 3.38 -7.60
C PHE A 22 2.09 4.71 -7.83
N THR A 23 0.76 4.69 -7.96
CA THR A 23 -0.06 5.91 -8.19
C THR A 23 -1.55 5.58 -8.07
N ALA A 24 -2.35 6.57 -7.70
CA ALA A 24 -3.81 6.67 -7.96
C ALA A 24 -4.01 7.24 -9.37
N ILE A 25 -5.12 6.88 -10.04
CA ILE A 25 -5.21 7.03 -11.52
C ILE A 25 -6.21 8.13 -11.90
N SER A 26 -7.50 7.93 -11.63
CA SER A 26 -8.62 8.72 -12.24
C SER A 26 -9.19 9.72 -11.23
N LEU A 27 -8.75 10.97 -11.26
CA LEU A 27 -9.08 11.94 -10.19
C LEU A 27 -9.54 13.27 -10.81
N ASP A 28 -10.11 13.19 -12.02
CA ASP A 28 -10.64 14.36 -12.77
C ASP A 28 -12.16 14.44 -12.57
N GLY A 29 -12.78 15.48 -13.13
CA GLY A 29 -14.20 15.81 -12.94
C GLY A 29 -15.08 15.42 -14.12
N SER A 30 -14.59 14.63 -15.10
CA SER A 30 -15.40 14.22 -16.29
C SER A 30 -15.25 12.73 -16.65
N SER A 31 -14.48 11.94 -15.90
CA SER A 31 -14.15 10.51 -16.21
C SER A 31 -15.34 9.61 -15.87
N LEU A 32 -15.43 8.43 -16.52
CA LEU A 32 -16.53 7.45 -16.26
C LEU A 32 -16.34 6.87 -14.85
N ARG A 33 -15.10 6.76 -14.37
CA ARG A 33 -14.79 6.20 -13.03
C ARG A 33 -13.80 7.10 -12.29
N ARG A 34 -13.69 6.93 -10.97
CA ARG A 34 -12.73 7.65 -10.11
C ARG A 34 -11.82 6.65 -9.40
N ASN A 35 -10.73 7.15 -8.81
CA ASN A 35 -9.70 6.37 -8.07
C ASN A 35 -8.98 5.43 -9.04
N GLY A 36 -8.78 4.17 -8.63
CA GLY A 36 -7.89 3.25 -9.33
C GLY A 36 -6.50 3.37 -8.71
N ILE A 37 -5.92 2.24 -8.34
CA ILE A 37 -4.59 2.19 -7.66
C ILE A 37 -3.81 1.08 -8.33
N ALA A 38 -2.57 1.38 -8.71
CA ALA A 38 -1.53 0.38 -9.06
C ALA A 38 -0.62 0.18 -7.84
N ALA A 39 -0.40 -1.07 -7.44
CA ALA A 39 0.32 -1.40 -6.20
C ALA A 39 0.96 -2.79 -6.33
N MET A 40 1.90 -3.08 -5.43
CA MET A 40 2.53 -4.41 -5.34
C MET A 40 2.75 -4.74 -3.86
N ALA A 41 2.90 -6.03 -3.57
CA ALA A 41 3.12 -6.60 -2.24
C ALA A 41 4.61 -6.95 -2.09
N VAL A 42 5.22 -6.63 -0.95
CA VAL A 42 6.62 -7.05 -0.64
C VAL A 42 6.68 -7.71 0.74
N ASP A 43 7.74 -8.49 0.97
CA ASP A 43 7.94 -9.30 2.20
C ASP A 43 8.32 -8.40 3.37
N ARG A 44 9.09 -7.34 3.10
CA ARG A 44 9.65 -6.46 4.17
C ARG A 44 9.41 -4.99 3.80
N PRO A 45 8.71 -4.20 4.64
CA PRO A 45 8.24 -4.65 5.95
C PRO A 45 7.08 -5.66 5.82
N GLY A 46 6.94 -6.49 6.84
CA GLY A 46 5.90 -7.53 6.89
C GLY A 46 5.10 -7.42 8.16
N LEU A 47 3.93 -8.05 8.19
CA LEU A 47 3.14 -8.29 9.43
CA LEU A 47 3.16 -8.29 9.43
C LEU A 47 3.32 -9.76 9.83
N THR A 48 3.54 -10.01 11.12
CA THR A 48 3.57 -11.36 11.73
C THR A 48 2.79 -11.21 13.04
N ALA A 49 1.71 -11.99 13.19
CA ALA A 49 0.82 -11.88 14.34
C ALA A 49 0.33 -13.28 14.71
N GLU A 50 0.06 -13.45 16.00
CA GLU A 50 -0.48 -14.71 16.56
C GLU A 50 -1.77 -14.36 17.30
N VAL A 51 -2.85 -15.00 16.88
CA VAL A 51 -4.21 -14.84 17.48
C VAL A 51 -4.52 -16.12 18.26
N ARG A 52 -4.87 -15.96 19.53
CA ARG A 52 -5.34 -17.08 20.39
C ARG A 52 -6.52 -16.59 21.25
N GLU A 53 -7.20 -17.54 21.90
CA GLU A 53 -8.27 -17.24 22.87
C GLU A 53 -7.66 -16.48 24.04
N ALA A 54 -8.23 -15.34 24.42
CA ALA A 54 -7.84 -14.59 25.63
C ALA A 54 -8.27 -15.39 26.87
N ALA A 55 -7.30 -15.74 27.73
CA ALA A 55 -7.49 -16.59 28.92
C ALA A 55 -8.64 -16.04 29.77
N ASP A 56 -8.62 -14.74 30.02
CA ASP A 56 -9.57 -14.05 30.94
C ASP A 56 -10.88 -13.72 30.20
N GLY A 57 -11.04 -14.18 28.95
CA GLY A 57 -12.22 -13.86 28.11
C GLY A 57 -12.28 -12.38 27.75
N ILE A 58 -11.14 -11.67 27.84
CA ILE A 58 -11.01 -10.21 27.55
C ILE A 58 -10.17 -10.03 26.29
N VAL A 59 -10.70 -9.30 25.31
CA VAL A 59 -9.97 -8.96 24.06
C VAL A 59 -8.68 -8.23 24.45
N ALA A 60 -7.56 -8.56 23.81
CA ALA A 60 -6.23 -7.96 24.13
C ALA A 60 -5.40 -7.81 22.84
N VAL A 61 -4.73 -6.67 22.66
CA VAL A 61 -3.87 -6.39 21.48
C VAL A 61 -2.48 -5.98 21.98
N THR A 62 -1.40 -6.55 21.46
CA THR A 62 -0.02 -6.07 21.74
C THR A 62 0.76 -5.88 20.46
N GLY A 63 1.70 -4.94 20.49
CA GLY A 63 2.80 -4.83 19.52
C GLY A 63 2.53 -3.87 18.39
N THR A 64 1.54 -2.97 18.52
CA THR A 64 1.27 -1.92 17.50
C THR A 64 1.21 -0.56 18.20
N ALA A 65 1.19 0.51 17.41
CA ALA A 65 0.92 1.89 17.87
C ALA A 65 -0.54 1.96 18.33
N GLU A 66 -0.86 2.93 19.19
CA GLU A 66 -2.17 3.02 19.87
C GLU A 66 -3.31 3.02 18.83
N GLU A 67 -3.24 3.84 17.77
CA GLU A 67 -4.35 3.96 16.80
C GLU A 67 -4.71 2.55 16.29
N THR A 68 -3.72 1.80 15.80
CA THR A 68 -3.98 0.47 15.18
C THR A 68 -4.48 -0.51 16.26
N ALA A 69 -3.95 -0.41 17.49
CA ALA A 69 -4.30 -1.34 18.59
C ALA A 69 -5.77 -1.19 18.96
N ARG A 70 -6.24 0.06 19.16
CA ARG A 70 -7.67 0.37 19.44
C ARG A 70 -8.51 -0.23 18.32
N GLU A 71 -8.09 0.01 17.07
CA GLU A 71 -8.81 -0.42 15.85
C GLU A 71 -8.83 -1.95 15.74
N LEU A 72 -7.76 -2.63 16.12
CA LEU A 72 -7.73 -4.12 16.10
C LEU A 72 -8.68 -4.65 17.19
N ALA A 73 -8.68 -4.03 18.36
CA ALA A 73 -9.54 -4.43 19.49
C ALA A 73 -11.01 -4.34 19.03
N ALA A 74 -11.39 -3.22 18.39
CA ALA A 74 -12.76 -2.94 17.90
C ALA A 74 -13.14 -4.01 16.88
N ALA A 75 -12.21 -4.33 15.99
CA ALA A 75 -12.37 -5.35 14.93
C ALA A 75 -12.59 -6.72 15.60
N LEU A 76 -11.82 -7.04 16.63
CA LEU A 76 -11.91 -8.37 17.28
C LEU A 76 -13.22 -8.45 18.07
N GLU A 77 -13.66 -7.36 18.70
CA GLU A 77 -14.93 -7.30 19.50
C GLU A 77 -16.13 -7.46 18.56
N ALA A 78 -16.05 -6.89 17.37
CA ALA A 78 -17.10 -6.96 16.32
C ALA A 78 -17.14 -8.38 15.73
N LEU A 79 -16.01 -8.91 15.31
CA LEU A 79 -15.98 -10.25 14.65
C LEU A 79 -16.39 -11.32 15.67
N ARG A 80 -16.04 -11.11 16.94
CA ARG A 80 -16.45 -11.96 18.08
C ARG A 80 -17.98 -12.03 18.12
N LYS A 81 -18.63 -10.87 18.03
CA LYS A 81 -20.12 -10.76 18.00
C LYS A 81 -20.62 -11.33 16.66
N LEU A 82 -19.95 -11.04 15.56
CA LEU A 82 -20.44 -11.45 14.22
C LEU A 82 -20.40 -12.98 14.10
N TRP A 83 -19.28 -13.62 14.47
CA TRP A 83 -19.05 -15.08 14.29
C TRP A 83 -19.31 -15.86 15.58
N ASP A 84 -19.76 -15.16 16.62
CA ASP A 84 -20.10 -15.77 17.92
C ASP A 84 -18.87 -16.58 18.37
N GLY A 85 -17.71 -15.92 18.39
CA GLY A 85 -16.42 -16.54 18.70
C GLY A 85 -15.96 -16.18 20.10
N PRO A 86 -14.78 -16.71 20.54
CA PRO A 86 -14.24 -16.38 21.85
C PRO A 86 -13.65 -14.97 21.79
N ALA A 87 -13.49 -14.29 22.93
CA ALA A 87 -12.61 -13.11 23.06
C ALA A 87 -11.19 -13.54 22.65
N ALA A 88 -10.50 -12.74 21.85
CA ALA A 88 -9.18 -13.10 21.28
C ALA A 88 -8.11 -12.19 21.87
N ARG A 89 -6.90 -12.71 21.99
CA ARG A 89 -5.71 -11.83 22.10
C ARG A 89 -4.97 -11.93 20.77
N VAL A 90 -4.48 -10.79 20.31
CA VAL A 90 -3.57 -10.73 19.14
C VAL A 90 -2.24 -10.16 19.64
N ASP A 91 -1.17 -10.93 19.51
CA ASP A 91 0.22 -10.45 19.71
C ASP A 91 0.82 -10.19 18.33
N VAL A 92 1.00 -8.92 18.00
CA VAL A 92 1.65 -8.48 16.74
C VAL A 92 3.17 -8.49 16.98
N LEU A 93 3.84 -9.51 16.47
CA LEU A 93 5.28 -9.79 16.70
C LEU A 93 6.13 -8.93 15.77
N GLU A 94 5.59 -8.62 14.60
CA GLU A 94 6.18 -7.74 13.56
C GLU A 94 5.04 -6.87 13.03
N ALA A 95 5.06 -5.58 13.32
CA ALA A 95 4.03 -4.60 12.90
C ALA A 95 4.47 -3.92 11.61
N LEU A 96 3.54 -3.66 10.68
CA LEU A 96 3.81 -2.76 9.54
C LEU A 96 3.88 -1.32 10.06
N PRO A 97 4.90 -0.52 9.69
CA PRO A 97 4.96 0.87 10.14
C PRO A 97 3.68 1.59 9.72
N GLN A 98 3.11 2.30 10.69
CA GLN A 98 1.83 3.00 10.59
C GLN A 98 2.01 4.30 9.80
N HIS A 99 1.13 4.56 8.84
CA HIS A 99 1.06 5.84 8.10
C HIS A 99 2.44 6.14 7.47
N SER A 100 3.04 5.17 6.80
CA SER A 100 4.40 5.32 6.21
C SER A 100 4.39 4.92 4.74
N GLY A 101 3.23 4.58 4.18
CA GLY A 101 3.12 4.23 2.76
C GLY A 101 3.18 2.73 2.55
N PHE A 102 2.99 1.94 3.61
CA PHE A 102 3.04 0.45 3.56
C PHE A 102 1.64 -0.18 3.61
N GLY A 103 0.57 0.61 3.69
CA GLY A 103 -0.81 0.09 3.76
C GLY A 103 -1.04 -0.72 5.03
N SER A 104 -0.62 -0.21 6.18
CA SER A 104 -0.54 -1.01 7.44
C SER A 104 -1.95 -1.32 7.97
N LYS A 105 -2.82 -0.33 8.03
CA LYS A 105 -4.15 -0.49 8.65
C LYS A 105 -4.90 -1.62 7.96
N THR A 106 -5.13 -1.50 6.65
CA THR A 106 -5.93 -2.50 5.88
C THR A 106 -5.21 -3.84 5.94
N SER A 107 -3.91 -3.86 5.72
CA SER A 107 -3.12 -5.12 5.64
C SER A 107 -3.22 -5.86 6.98
N THR A 108 -3.21 -5.13 8.10
CA THR A 108 -3.16 -5.70 9.47
C THR A 108 -4.57 -6.13 9.87
N LEU A 109 -5.57 -5.30 9.60
CA LEU A 109 -6.97 -5.62 9.94
C LEU A 109 -7.39 -6.89 9.20
N LEU A 110 -7.07 -7.04 7.92
CA LEU A 110 -7.45 -8.24 7.13
C LEU A 110 -6.65 -9.46 7.61
N ALA A 111 -5.34 -9.32 7.88
CA ALA A 111 -4.53 -10.46 8.35
C ALA A 111 -5.08 -10.97 9.69
N VAL A 112 -5.32 -10.07 10.63
CA VAL A 112 -5.73 -10.45 12.02
C VAL A 112 -7.17 -10.97 11.96
N GLY A 113 -8.05 -10.29 11.21
CA GLY A 113 -9.46 -10.73 11.04
C GLY A 113 -9.55 -12.14 10.49
N HIS A 114 -8.80 -12.42 9.42
CA HIS A 114 -8.73 -13.76 8.76
C HIS A 114 -8.20 -14.79 9.76
N ALA A 115 -7.23 -14.41 10.58
CA ALA A 115 -6.59 -15.31 11.57
C ALA A 115 -7.61 -15.67 12.64
N TYR A 116 -8.25 -14.66 13.25
CA TYR A 116 -9.34 -14.85 14.24
C TYR A 116 -10.45 -15.69 13.59
N GLY A 117 -10.77 -15.38 12.34
CA GLY A 117 -11.69 -16.19 11.52
C GLY A 117 -11.31 -17.66 11.57
N ARG A 118 -10.05 -17.95 11.27
CA ARG A 118 -9.52 -19.34 11.29
C ARG A 118 -9.66 -19.92 12.71
N LEU A 119 -9.37 -19.13 13.75
CA LEU A 119 -9.56 -19.51 15.18
C LEU A 119 -11.03 -19.90 15.42
N CYS A 120 -11.97 -19.18 14.79
CA CYS A 120 -13.43 -19.41 14.92
C CYS A 120 -13.92 -20.49 13.93
N GLY A 121 -13.02 -21.13 13.18
CA GLY A 121 -13.38 -22.16 12.18
C GLY A 121 -14.10 -21.59 10.97
N VAL A 122 -14.00 -20.27 10.77
CA VAL A 122 -14.61 -19.52 9.63
C VAL A 122 -13.50 -19.24 8.63
N GLU A 123 -13.83 -19.21 7.34
CA GLU A 123 -12.92 -18.84 6.22
C GLU A 123 -13.48 -17.59 5.55
N PRO A 124 -13.11 -16.36 5.97
CA PRO A 124 -13.83 -15.18 5.52
C PRO A 124 -13.42 -14.69 4.12
N ASP A 125 -14.38 -14.18 3.34
CA ASP A 125 -14.10 -13.38 2.12
C ASP A 125 -13.42 -12.08 2.56
N LEU A 126 -12.22 -11.80 2.06
CA LEU A 126 -11.38 -10.66 2.53
C LEU A 126 -12.01 -9.34 2.06
N ARG A 127 -12.63 -9.32 0.88
CA ARG A 127 -13.36 -8.12 0.40
C ARG A 127 -14.55 -7.82 1.32
N GLU A 128 -15.25 -8.85 1.80
CA GLU A 128 -16.40 -8.73 2.74
C GLU A 128 -15.86 -8.27 4.09
N LEU A 129 -14.80 -8.92 4.57
CA LEU A 129 -14.16 -8.58 5.88
C LEU A 129 -13.72 -7.11 5.84
N ALA A 130 -13.15 -6.68 4.71
CA ALA A 130 -12.72 -5.29 4.46
C ALA A 130 -13.93 -4.37 4.63
N ARG A 131 -15.03 -4.73 3.98
CA ARG A 131 -16.30 -3.98 4.06
C ARG A 131 -16.72 -3.92 5.53
N THR A 132 -16.82 -5.09 6.17
CA THR A 132 -17.27 -5.22 7.59
C THR A 132 -16.43 -4.28 8.46
N LEU A 133 -15.11 -4.25 8.27
CA LEU A 133 -14.19 -3.45 9.11
C LEU A 133 -14.04 -2.04 8.50
N GLY A 134 -14.75 -1.76 7.40
CA GLY A 134 -14.88 -0.41 6.79
C GLY A 134 -13.63 0.01 6.04
N ARG A 135 -12.92 -0.94 5.44
CA ARG A 135 -11.64 -0.71 4.72
C ARG A 135 -11.87 -0.72 3.21
N GLY A 136 -10.93 -0.13 2.46
CA GLY A 136 -10.97 -0.05 0.99
C GLY A 136 -12.18 0.73 0.49
N ARG A 137 -12.48 1.88 1.10
CA ARG A 137 -13.56 2.80 0.63
C ARG A 137 -13.18 3.43 -0.72
N THR A 138 -11.89 3.73 -0.91
CA THR A 138 -11.36 4.31 -2.18
C THR A 138 -10.43 3.29 -2.85
N SER A 139 -9.48 2.72 -2.10
CA SER A 139 -8.43 1.80 -2.63
C SER A 139 -8.84 0.33 -2.45
N GLY A 140 -8.59 -0.48 -3.46
CA GLY A 140 -8.70 -1.94 -3.36
C GLY A 140 -7.35 -2.61 -3.28
N ALA A 141 -6.26 -1.82 -3.17
CA ALA A 141 -4.86 -2.31 -3.31
C ALA A 141 -4.53 -3.30 -2.19
N SER A 142 -4.60 -2.85 -0.94
CA SER A 142 -4.25 -3.68 0.24
C SER A 142 -5.19 -4.89 0.31
N THR A 143 -6.46 -4.69 -0.04
CA THR A 143 -7.50 -5.73 0.08
C THR A 143 -7.17 -6.87 -0.93
N GLY A 144 -6.93 -6.48 -2.18
CA GLY A 144 -6.55 -7.40 -3.26
C GLY A 144 -5.19 -8.06 -2.98
N LEU A 145 -4.20 -7.31 -2.50
CA LEU A 145 -2.85 -7.91 -2.28
C LEU A 145 -2.91 -8.85 -1.08
N SER A 146 -3.79 -8.58 -0.11
CA SER A 146 -4.01 -9.48 1.05
C SER A 146 -4.39 -10.87 0.52
N ALA A 147 -5.21 -10.91 -0.55
CA ALA A 147 -5.80 -12.14 -1.12
C ALA A 147 -4.83 -12.82 -2.10
N TYR A 148 -4.16 -12.02 -2.95
CA TYR A 148 -3.44 -12.52 -4.15
C TYR A 148 -1.92 -12.24 -4.09
N GLY A 149 -1.52 -11.15 -3.44
CA GLY A 149 -0.15 -10.62 -3.55
C GLY A 149 0.13 -10.20 -4.98
N GLY A 150 1.40 -10.07 -5.32
CA GLY A 150 1.87 -9.77 -6.68
C GLY A 150 1.72 -8.30 -6.99
N PHE A 151 1.40 -8.01 -8.26
CA PHE A 151 1.19 -6.64 -8.79
C PHE A 151 -0.29 -6.56 -9.16
N LEU A 152 -0.98 -5.47 -8.80
CA LEU A 152 -2.43 -5.37 -9.09
C LEU A 152 -2.81 -3.91 -9.34
N VAL A 153 -3.86 -3.72 -10.13
CA VAL A 153 -4.47 -2.40 -10.42
C VAL A 153 -5.97 -2.59 -10.25
N ASP A 154 -6.58 -1.82 -9.36
CA ASP A 154 -8.04 -1.92 -9.15
C ASP A 154 -8.67 -0.89 -10.08
N GLY A 155 -9.95 -1.08 -10.41
CA GLY A 155 -10.64 -0.22 -11.40
C GLY A 155 -11.38 0.93 -10.75
N GLY A 156 -11.08 1.25 -9.47
CA GLY A 156 -11.80 2.27 -8.70
C GLY A 156 -13.32 2.13 -8.79
N HIS A 157 -14.06 3.24 -8.77
CA HIS A 157 -15.53 3.28 -8.55
C HIS A 157 -16.22 3.96 -9.73
N VAL A 158 -17.33 3.41 -10.20
CA VAL A 158 -18.16 4.07 -11.24
C VAL A 158 -18.59 5.43 -10.67
N ASN A 159 -18.55 6.49 -11.49
CA ASN A 159 -18.99 7.86 -11.09
C ASN A 159 -20.47 8.02 -11.38
N PRO A 160 -21.26 8.63 -10.46
CA PRO A 160 -22.69 8.81 -10.68
C PRO A 160 -22.95 9.90 -11.71
N PRO A 161 -24.19 10.00 -12.22
CA PRO A 161 -24.58 11.06 -13.15
C PRO A 161 -24.32 12.49 -12.62
N ASP A 162 -24.48 12.69 -11.30
CA ASP A 162 -24.29 14.01 -10.65
C ASP A 162 -22.79 14.38 -10.62
N PHE A 163 -21.87 13.42 -10.85
CA PHE A 163 -20.40 13.58 -10.63
C PHE A 163 -19.87 14.83 -11.33
N ALA A 164 -20.16 15.00 -12.62
CA ALA A 164 -19.60 16.09 -13.46
C ALA A 164 -19.93 17.44 -12.81
N GLU A 165 -21.10 17.56 -12.17
CA GLU A 165 -21.57 18.80 -11.51
C GLU A 165 -20.70 19.14 -10.29
N ALA A 166 -20.52 18.20 -9.35
CA ALA A 166 -19.77 18.41 -8.09
C ALA A 166 -18.79 17.27 -7.89
N PRO A 167 -17.61 17.29 -8.56
CA PRO A 167 -16.63 16.21 -8.44
C PRO A 167 -16.04 16.06 -7.03
N GLN A 168 -16.04 17.14 -6.24
CA GLN A 168 -15.39 17.24 -4.90
C GLN A 168 -16.09 16.36 -3.86
N LYS A 169 -17.42 16.16 -3.97
CA LYS A 169 -18.25 15.36 -3.03
C LYS A 169 -17.81 13.88 -3.09
N TYR A 170 -17.55 13.34 -4.28
CA TYR A 170 -17.23 11.90 -4.51
C TYR A 170 -15.74 11.67 -4.34
N LEU A 171 -14.90 12.49 -4.97
CA LEU A 171 -13.43 12.24 -5.04
C LEU A 171 -12.90 11.89 -3.64
N ARG A 172 -13.05 12.77 -2.64
CA ARG A 172 -12.71 12.44 -1.22
C ARG A 172 -11.53 11.46 -1.17
N VAL A 180 -19.95 0.63 -0.98
CA VAL A 180 -19.63 -0.07 0.30
C VAL A 180 -18.61 -1.18 0.02
N ALA A 181 -18.49 -1.66 -1.22
CA ALA A 181 -17.57 -2.74 -1.63
C ALA A 181 -16.25 -2.16 -2.12
N PRO A 182 -15.10 -2.76 -1.76
CA PRO A 182 -13.80 -2.28 -2.25
C PRO A 182 -13.58 -2.65 -3.72
N PRO A 183 -12.96 -1.78 -4.55
CA PRO A 183 -12.77 -2.09 -5.97
C PRO A 183 -12.04 -3.44 -6.11
N LYS A 184 -12.53 -4.29 -7.00
CA LYS A 184 -11.85 -5.55 -7.33
C LYS A 184 -10.71 -5.24 -8.30
N PRO A 185 -9.70 -6.15 -8.36
CA PRO A 185 -8.56 -5.93 -9.24
C PRO A 185 -8.91 -6.17 -10.71
N VAL A 186 -8.72 -5.17 -11.55
N VAL A 186 -8.76 -5.12 -11.51
CA VAL A 186 -8.91 -5.35 -13.03
CA VAL A 186 -8.81 -5.16 -13.01
C VAL A 186 -7.62 -5.98 -13.60
C VAL A 186 -7.65 -6.03 -13.52
N VAL A 187 -6.46 -5.76 -12.98
CA VAL A 187 -5.17 -6.45 -13.31
C VAL A 187 -4.64 -7.11 -12.03
N ARG A 188 -4.25 -8.38 -12.11
CA ARG A 188 -3.51 -9.09 -11.04
C ARG A 188 -2.44 -9.93 -11.76
N LEU A 189 -1.17 -9.70 -11.47
CA LEU A 189 -0.04 -10.46 -12.06
C LEU A 189 0.94 -10.83 -10.97
N ASP A 190 1.66 -11.93 -11.18
CA ASP A 190 2.89 -12.23 -10.41
C ASP A 190 3.91 -11.13 -10.72
N PHE A 191 4.56 -10.60 -9.69
CA PHE A 191 5.72 -9.70 -9.87
C PHE A 191 6.93 -10.55 -10.23
N PRO A 192 7.76 -10.12 -11.21
CA PRO A 192 8.94 -10.89 -11.57
C PRO A 192 9.90 -10.99 -10.37
N ASP A 193 10.90 -11.85 -10.50
CA ASP A 193 11.88 -12.17 -9.44
C ASP A 193 12.99 -11.09 -9.42
N TRP A 194 12.57 -9.83 -9.30
CA TRP A 194 13.41 -8.62 -9.19
C TRP A 194 13.41 -8.15 -7.73
N PRO A 195 14.59 -7.81 -7.18
CA PRO A 195 14.66 -7.25 -5.84
C PRO A 195 14.18 -5.76 -5.86
N VAL A 196 13.63 -5.40 -4.68
CA VAL A 196 13.04 -4.05 -4.43
C VAL A 196 13.88 -3.39 -3.31
N LEU A 197 14.38 -2.20 -3.57
CA LEU A 197 15.12 -1.40 -2.56
C LEU A 197 14.12 -0.47 -1.87
N VAL A 198 13.83 -0.72 -0.61
CA VAL A 198 12.99 0.19 0.21
C VAL A 198 13.87 1.24 0.90
N LEU A 199 13.46 2.51 0.76
CA LEU A 199 14.12 3.72 1.30
C LEU A 199 13.13 4.42 2.23
N LEU A 200 13.45 4.42 3.51
CA LEU A 200 12.67 5.13 4.54
C LEU A 200 13.25 6.54 4.68
N THR A 201 12.55 7.53 4.13
CA THR A 201 13.00 8.95 4.07
C THR A 201 12.62 9.64 5.37
N HIS A 202 13.04 10.89 5.50
CA HIS A 202 12.51 11.84 6.51
C HIS A 202 11.19 12.31 5.90
N GLY A 203 10.09 12.10 6.59
CA GLY A 203 8.79 12.48 6.03
C GLY A 203 7.85 12.67 7.18
N ARG A 204 7.13 13.80 7.20
CA ARG A 204 6.05 14.00 8.18
C ARG A 204 4.91 13.03 7.79
N HIS A 205 4.15 12.61 8.79
CA HIS A 205 2.81 11.97 8.64
C HIS A 205 1.81 13.14 8.58
N LEU A 206 0.96 13.17 7.55
CA LEU A 206 0.22 14.37 7.08
C LEU A 206 -0.92 14.73 8.04
N GLY A 207 -1.26 16.03 8.16
CA GLY A 207 -2.33 16.56 9.02
C GLY A 207 -3.70 16.40 8.38
N GLY A 208 -4.55 15.53 8.95
CA GLY A 208 -5.92 15.22 8.49
C GLY A 208 -6.55 16.36 7.72
N GLN A 209 -6.64 17.55 8.32
CA GLN A 209 -7.31 18.74 7.71
C GLN A 209 -6.37 19.42 6.72
N GLU A 210 -5.06 19.44 6.99
CA GLU A 210 -4.01 19.85 6.02
C GLU A 210 -4.10 19.00 4.75
N GLU A 211 -4.41 17.70 4.89
CA GLU A 211 -4.45 16.71 3.77
C GLU A 211 -5.72 16.93 2.93
N LEU A 212 -6.89 16.92 3.57
CA LEU A 212 -8.21 17.16 2.93
C LEU A 212 -8.14 18.49 2.16
N GLU A 213 -7.55 19.52 2.76
CA GLU A 213 -7.44 20.88 2.18
C GLU A 213 -6.44 20.83 1.02
N TRP A 214 -5.35 20.07 1.17
CA TRP A 214 -4.35 19.87 0.10
C TRP A 214 -5.01 19.17 -1.09
N PHE A 215 -5.69 18.04 -0.84
CA PHE A 215 -6.40 17.23 -1.86
C PHE A 215 -7.42 18.09 -2.63
N HIS A 216 -8.15 18.98 -1.94
CA HIS A 216 -9.19 19.84 -2.58
C HIS A 216 -8.55 20.99 -3.37
N SER A 217 -7.26 21.26 -3.17
CA SER A 217 -6.49 22.26 -3.97
C SER A 217 -5.98 21.61 -5.27
N VAL A 218 -5.62 20.32 -5.24
CA VAL A 218 -4.97 19.59 -6.38
C VAL A 218 -6.03 18.91 -7.26
N ALA A 219 -7.11 18.41 -6.64
CA ALA A 219 -8.16 17.59 -7.28
C ALA A 219 -9.49 18.34 -7.27
N PRO A 220 -10.23 18.38 -8.40
CA PRO A 220 -9.97 17.48 -9.54
C PRO A 220 -8.75 17.89 -10.40
N ILE A 221 -7.95 16.91 -10.85
CA ILE A 221 -6.78 17.11 -11.76
C ILE A 221 -7.33 17.25 -13.18
N PRO A 222 -6.58 17.77 -14.18
CA PRO A 222 -7.06 17.80 -15.55
C PRO A 222 -7.39 16.37 -16.05
N ALA A 223 -8.48 16.27 -16.81
CA ALA A 223 -8.93 15.03 -17.49
C ALA A 223 -7.74 14.38 -18.23
N GLU A 224 -7.00 15.16 -19.03
N GLU A 224 -7.01 15.16 -19.02
CA GLU A 224 -5.82 14.71 -19.82
CA GLU A 224 -5.84 14.71 -19.83
C GLU A 224 -4.81 13.99 -18.91
C GLU A 224 -4.80 14.03 -18.92
N GLU A 225 -4.70 14.45 -17.66
CA GLU A 225 -3.71 13.91 -16.69
C GLU A 225 -4.21 12.55 -16.16
N SER A 226 -5.49 12.44 -15.81
CA SER A 226 -6.14 11.12 -15.52
C SER A 226 -5.82 10.15 -16.65
N TRP A 227 -6.10 10.55 -17.90
CA TRP A 227 -5.95 9.68 -19.09
C TRP A 227 -4.50 9.22 -19.21
N ARG A 228 -3.54 10.15 -19.13
CA ARG A 228 -2.10 9.80 -19.25
C ARG A 228 -1.71 8.83 -18.12
N THR A 229 -2.24 8.99 -16.91
CA THR A 229 -1.90 8.11 -15.76
C THR A 229 -2.42 6.70 -16.08
N SER A 230 -3.67 6.55 -16.56
CA SER A 230 -4.22 5.24 -16.99
C SER A 230 -3.27 4.61 -18.02
N HIS A 231 -2.84 5.40 -19.01
CA HIS A 231 -1.97 4.97 -20.12
C HIS A 231 -0.63 4.48 -19.57
N LEU A 232 -0.03 5.23 -18.64
CA LEU A 232 1.28 4.86 -18.05
C LEU A 232 1.11 3.58 -17.23
N VAL A 233 -0.02 3.44 -16.54
CA VAL A 233 -0.27 2.27 -15.65
C VAL A 233 -0.60 1.04 -16.50
N PHE A 234 -1.66 1.09 -17.32
CA PHE A 234 -2.23 -0.10 -18.00
C PHE A 234 -1.41 -0.45 -19.26
N MET A 235 -0.90 0.60 -19.94
CA MET A 235 -0.10 0.46 -21.19
C MET A 235 1.36 0.87 -20.91
N GLY A 236 1.80 0.80 -19.65
CA GLY A 236 3.22 0.99 -19.26
C GLY A 236 3.65 -0.02 -18.21
N LEU A 237 3.33 0.22 -16.94
CA LEU A 237 3.66 -0.70 -15.83
C LEU A 237 3.19 -2.11 -16.17
N ALA A 238 1.88 -2.31 -16.40
CA ALA A 238 1.24 -3.64 -16.32
C ALA A 238 1.79 -4.60 -17.38
N PRO A 239 1.89 -4.22 -18.67
CA PRO A 239 2.48 -5.12 -19.66
C PRO A 239 3.95 -5.45 -19.40
N ALA A 240 4.71 -4.48 -18.88
CA ALA A 240 6.14 -4.67 -18.51
C ALA A 240 6.25 -5.75 -17.43
N VAL A 241 5.37 -5.71 -16.42
CA VAL A 241 5.28 -6.76 -15.35
C VAL A 241 4.96 -8.10 -16.02
N LEU A 242 3.93 -8.12 -16.87
CA LEU A 242 3.42 -9.35 -17.51
C LEU A 242 4.52 -9.97 -18.36
N GLU A 243 5.26 -9.17 -19.11
CA GLU A 243 6.32 -9.65 -20.04
C GLU A 243 7.68 -9.72 -19.32
N GLN A 244 7.78 -9.31 -18.06
CA GLN A 244 9.04 -9.38 -17.24
C GLN A 244 10.14 -8.60 -17.98
N ASP A 245 9.79 -7.39 -18.42
CA ASP A 245 10.65 -6.46 -19.20
C ASP A 245 11.13 -5.38 -18.23
N PHE A 246 12.33 -5.58 -17.65
CA PHE A 246 12.89 -4.70 -16.60
C PHE A 246 13.01 -3.25 -17.11
N ASP A 247 13.62 -3.05 -18.28
CA ASP A 247 13.84 -1.70 -18.87
C ASP A 247 12.49 -1.00 -19.12
N ALA A 248 11.50 -1.72 -19.69
CA ALA A 248 10.15 -1.20 -19.93
C ALA A 248 9.51 -0.83 -18.59
N PHE A 249 9.59 -1.72 -17.60
CA PHE A 249 9.04 -1.47 -16.25
C PHE A 249 9.62 -0.17 -15.67
N CYS A 250 10.96 -0.01 -15.66
CA CYS A 250 11.64 1.17 -15.05
C CYS A 250 11.23 2.45 -15.78
N ALA A 251 11.15 2.41 -17.11
CA ALA A 251 10.74 3.57 -17.94
C ALA A 251 9.35 4.05 -17.49
N ALA A 252 8.41 3.12 -17.25
CA ALA A 252 7.04 3.42 -16.80
C ALA A 252 7.03 3.94 -15.34
N VAL A 253 7.75 3.29 -14.44
CA VAL A 253 7.85 3.74 -13.02
C VAL A 253 8.34 5.19 -12.99
N ASN A 254 9.42 5.51 -13.72
CA ASN A 254 10.02 6.86 -13.67
C ASN A 254 9.04 7.87 -14.27
N GLU A 255 8.40 7.49 -15.37
CA GLU A 255 7.41 8.39 -16.03
C GLU A 255 6.34 8.73 -15.00
N ILE A 256 5.93 7.76 -14.20
CA ILE A 256 4.90 8.03 -13.14
C ILE A 256 5.52 8.93 -12.06
N THR A 257 6.66 8.55 -11.50
CA THR A 257 7.25 9.27 -10.35
C THR A 257 7.52 10.73 -10.74
N PHE A 258 8.10 10.95 -11.91
CA PHE A 258 8.69 12.26 -12.26
C PHE A 258 7.72 13.10 -13.10
N THR A 259 6.65 12.55 -13.68
CA THR A 259 5.73 13.28 -14.58
CA THR A 259 5.72 13.31 -14.55
C THR A 259 4.26 13.08 -14.14
N GLY A 260 3.94 12.07 -13.33
CA GLY A 260 2.55 11.87 -12.88
C GLY A 260 2.04 13.13 -12.19
N HIS A 261 0.90 13.68 -12.64
CA HIS A 261 0.37 14.96 -12.12
C HIS A 261 0.10 14.82 -10.63
N PHE A 262 -0.66 13.80 -10.25
CA PHE A 262 -1.10 13.62 -8.84
C PHE A 262 0.13 13.24 -8.00
N LYS A 263 1.03 12.41 -8.54
CA LYS A 263 2.26 11.96 -7.84
C LYS A 263 3.15 13.16 -7.52
N GLN A 264 3.32 14.06 -8.49
CA GLN A 264 4.08 15.32 -8.33
C GLN A 264 3.50 16.10 -7.16
N ALA A 265 2.18 16.21 -7.07
CA ALA A 265 1.50 16.95 -5.98
C ALA A 265 1.79 16.26 -4.64
N GLN A 266 1.81 14.93 -4.60
CA GLN A 266 2.13 14.16 -3.38
C GLN A 266 3.59 14.47 -2.96
N ILE A 267 4.52 14.53 -3.91
CA ILE A 267 5.97 14.75 -3.64
C ILE A 267 6.16 16.15 -3.06
N ALA A 268 5.48 17.15 -3.65
CA ALA A 268 5.53 18.57 -3.27
C ALA A 268 4.89 18.76 -1.90
N PHE A 269 3.83 18.00 -1.58
CA PHE A 269 3.13 18.06 -0.28
C PHE A 269 4.04 17.51 0.82
N GLN A 270 4.83 16.48 0.50
CA GLN A 270 5.81 15.88 1.45
C GLN A 270 7.03 16.81 1.47
N GLY A 271 7.54 17.26 0.31
CA GLY A 271 8.59 18.30 0.22
C GLY A 271 9.99 17.70 0.14
N ASP A 272 11.02 18.50 0.48
CA ASP A 272 12.45 18.27 0.14
C ASP A 272 12.93 16.91 0.63
N ALA A 273 12.49 16.51 1.82
CA ALA A 273 12.86 15.24 2.47
C ALA A 273 12.64 14.07 1.51
N VAL A 274 11.55 14.06 0.74
CA VAL A 274 11.27 12.97 -0.23
C VAL A 274 11.86 13.32 -1.59
N ALA A 275 11.69 14.58 -2.01
CA ALA A 275 12.11 15.05 -3.35
C ALA A 275 13.63 14.84 -3.53
N ASP A 276 14.41 15.12 -2.48
CA ASP A 276 15.89 15.02 -2.55
C ASP A 276 16.27 13.55 -2.80
N VAL A 277 15.56 12.62 -2.16
CA VAL A 277 15.84 11.17 -2.32
C VAL A 277 15.46 10.72 -3.73
N LEU A 278 14.31 11.15 -4.23
CA LEU A 278 13.83 10.71 -5.58
C LEU A 278 14.84 11.22 -6.62
N GLU A 279 15.25 12.48 -6.50
CA GLU A 279 16.22 13.11 -7.43
C GLU A 279 17.57 12.40 -7.32
N ALA A 280 17.99 12.04 -6.12
CA ALA A 280 19.24 11.28 -5.87
C ALA A 280 19.14 9.92 -6.56
N GLY A 281 18.02 9.20 -6.38
CA GLY A 281 17.81 7.89 -7.04
C GLY A 281 17.84 8.05 -8.56
N ARG A 282 17.14 9.06 -9.09
CA ARG A 282 17.14 9.28 -10.54
C ARG A 282 18.58 9.53 -11.00
N ALA A 283 19.33 10.39 -10.32
CA ALA A 283 20.72 10.76 -10.68
C ALA A 283 21.64 9.53 -10.63
N ALA A 284 21.42 8.62 -9.67
CA ALA A 284 22.36 7.51 -9.34
C ALA A 284 22.34 6.50 -10.47
N PRO A 285 23.49 6.12 -11.08
CA PRO A 285 23.49 5.10 -12.11
C PRO A 285 23.10 3.72 -11.55
N SER A 286 23.20 3.51 -10.23
CA SER A 286 22.88 2.22 -9.55
C SER A 286 21.37 2.04 -9.38
N VAL A 287 20.57 3.08 -9.61
CA VAL A 287 19.09 3.05 -9.37
C VAL A 287 18.42 3.21 -10.73
N ASP A 288 17.76 2.17 -11.23
CA ASP A 288 17.17 2.17 -12.59
C ASP A 288 15.81 2.89 -12.54
N ALA A 289 15.09 2.77 -11.43
CA ALA A 289 13.83 3.49 -11.23
C ALA A 289 13.58 3.65 -9.73
N ILE A 290 12.80 4.67 -9.40
CA ILE A 290 12.45 4.94 -7.98
C ILE A 290 11.03 5.50 -7.93
N ALA A 291 10.36 5.30 -6.79
CA ALA A 291 8.96 5.72 -6.60
C ALA A 291 8.74 6.08 -5.13
N LEU A 292 7.79 6.98 -4.92
CA LEU A 292 7.22 7.31 -3.61
C LEU A 292 5.94 6.49 -3.38
N SER A 293 5.83 5.77 -2.28
CA SER A 293 4.60 5.03 -1.91
C SER A 293 3.63 6.00 -1.23
N VAL A 294 2.51 6.30 -1.88
CA VAL A 294 1.49 7.26 -1.36
C VAL A 294 2.19 8.62 -1.19
N THR A 295 2.23 9.15 0.03
CA THR A 295 2.99 10.39 0.37
C THR A 295 4.22 10.00 1.21
N GLY A 296 4.57 8.72 1.26
CA GLY A 296 5.73 8.20 2.02
C GLY A 296 5.50 8.22 3.53
N PRO A 297 6.55 8.28 4.38
CA PRO A 297 7.95 8.41 3.93
C PRO A 297 8.62 7.28 3.11
N ALA A 298 7.97 6.12 2.93
CA ALA A 298 8.57 4.99 2.19
C ALA A 298 8.67 5.32 0.70
N CYS A 299 9.87 5.24 0.15
CA CYS A 299 10.11 5.20 -1.31
C CYS A 299 10.60 3.80 -1.61
N PHE A 300 10.62 3.45 -2.90
CA PHE A 300 11.07 2.11 -3.35
C PHE A 300 11.67 2.24 -4.73
N ALA A 301 12.66 1.37 -5.00
CA ALA A 301 13.56 1.48 -6.15
C ALA A 301 13.84 0.09 -6.71
N PHE A 302 14.22 0.07 -7.98
CA PHE A 302 14.56 -1.14 -8.75
C PHE A 302 15.94 -0.93 -9.34
N THR A 303 16.71 -2.01 -9.48
CA THR A 303 18.11 -1.92 -9.96
C THR A 303 18.50 -3.25 -10.58
N LYS A 304 19.20 -3.21 -11.70
CA LYS A 304 19.89 -4.41 -12.23
C LYS A 304 21.30 -4.49 -11.63
N ARG A 305 21.67 -3.58 -10.72
CA ARG A 305 23.02 -3.56 -10.06
C ARG A 305 22.83 -3.32 -8.57
N PRO A 306 22.16 -4.27 -7.88
CA PRO A 306 21.83 -4.13 -6.45
C PRO A 306 23.09 -3.98 -5.57
N GLU A 307 24.18 -4.62 -5.96
CA GLU A 307 25.50 -4.47 -5.26
C GLU A 307 25.87 -2.97 -5.17
N ASP A 308 25.63 -2.22 -6.28
CA ASP A 308 25.98 -0.78 -6.40
C ASP A 308 24.94 0.05 -5.62
N ALA A 309 23.67 -0.34 -5.70
CA ALA A 309 22.56 0.40 -5.07
C ALA A 309 22.68 0.28 -3.55
N GLU A 310 23.11 -0.89 -3.08
CA GLU A 310 23.40 -1.14 -1.64
C GLU A 310 24.38 -0.07 -1.16
N ARG A 311 25.48 0.08 -1.89
CA ARG A 311 26.60 1.02 -1.53
C ARG A 311 26.07 2.45 -1.57
N TRP A 312 25.25 2.76 -2.59
CA TRP A 312 24.61 4.10 -2.72
C TRP A 312 23.70 4.38 -1.51
N ALA A 313 22.83 3.45 -1.13
CA ALA A 313 21.86 3.67 -0.03
C ALA A 313 22.59 3.76 1.31
N TRP A 314 23.66 2.96 1.49
CA TRP A 314 24.50 2.96 2.72
C TRP A 314 25.09 4.36 2.95
N GLU A 315 25.55 5.02 1.90
CA GLU A 315 26.12 6.39 2.02
CA GLU A 315 26.11 6.39 1.98
C GLU A 315 25.00 7.41 2.32
N LEU A 316 23.84 7.28 1.69
CA LEU A 316 22.73 8.24 1.99
C LEU A 316 22.33 8.12 3.46
N LYS A 317 22.32 6.88 3.98
CA LYS A 317 21.95 6.57 5.38
C LYS A 317 23.00 7.14 6.33
N ASN A 318 24.28 7.01 5.99
CA ASN A 318 25.42 7.56 6.78
CA ASN A 318 25.38 7.55 6.83
C ASN A 318 25.29 9.08 6.85
N ARG A 319 25.07 9.71 5.69
CA ARG A 319 24.94 11.18 5.53
C ARG A 319 23.68 11.65 6.27
N GLY A 320 22.71 10.75 6.48
CA GLY A 320 21.42 11.08 7.12
C GLY A 320 20.39 11.59 6.13
N LEU A 321 20.59 11.45 4.82
CA LEU A 321 19.56 11.79 3.81
C LEU A 321 18.38 10.81 3.91
N ILE A 322 18.62 9.54 4.25
CA ILE A 322 17.56 8.56 4.58
C ILE A 322 17.78 8.06 6.02
N ARG A 323 16.72 7.56 6.63
CA ARG A 323 16.71 6.98 8.00
C ARG A 323 17.13 5.51 7.91
N ASP A 324 16.80 4.83 6.83
CA ASP A 324 17.05 3.37 6.70
C ASP A 324 16.80 2.91 5.27
N PHE A 325 17.28 1.71 4.97
CA PHE A 325 17.09 1.04 3.67
C PHE A 325 17.24 -0.46 3.87
N TRP A 326 16.55 -1.24 3.05
CA TRP A 326 16.74 -2.71 2.97
C TRP A 326 16.27 -3.17 1.59
N PHE A 327 16.84 -4.27 1.11
CA PHE A 327 16.29 -5.00 -0.04
C PHE A 327 15.19 -5.94 0.46
N THR A 328 14.18 -6.12 -0.37
CA THR A 328 13.14 -7.16 -0.18
C THR A 328 12.79 -7.72 -1.56
N ARG A 329 11.82 -8.62 -1.60
CA ARG A 329 11.29 -9.14 -2.88
C ARG A 329 9.77 -9.11 -2.79
N ALA A 330 9.12 -9.25 -3.94
CA ALA A 330 7.65 -9.28 -4.07
C ALA A 330 7.11 -10.46 -3.29
N ASN A 331 5.89 -10.34 -2.75
CA ASN A 331 5.15 -11.50 -2.19
C ASN A 331 4.03 -11.80 -3.20
N ASN A 332 4.04 -12.98 -3.80
CA ASN A 332 3.16 -13.34 -4.94
C ASN A 332 1.99 -14.23 -4.46
N GLN A 333 1.67 -14.19 -3.17
CA GLN A 333 0.60 -15.02 -2.58
C GLN A 333 -0.40 -14.17 -1.78
N GLY A 334 0.09 -13.19 -1.01
CA GLY A 334 -0.71 -12.44 -0.02
C GLY A 334 -0.54 -13.02 1.36
N LEU A 335 -1.57 -12.92 2.21
CA LEU A 335 -1.42 -13.41 3.60
C LEU A 335 -1.29 -14.94 3.60
N ALA A 336 -0.65 -15.47 4.64
CA ALA A 336 -0.44 -16.90 4.90
C ALA A 336 -0.75 -17.15 6.37
N THR A 337 -1.33 -18.30 6.70
CA THR A 337 -1.62 -18.66 8.11
C THR A 337 -1.02 -20.04 8.38
N THR A 338 -0.59 -20.26 9.61
CA THR A 338 -0.19 -21.56 10.17
C THR A 338 -0.89 -21.67 11.53
N VAL A 339 -1.25 -22.88 11.95
CA VAL A 339 -1.59 -23.16 13.38
C VAL A 339 -0.29 -23.55 14.07
N VAL A 340 -0.09 -22.99 15.27
CA VAL A 340 1.07 -23.22 16.18
C VAL A 340 0.45 -23.42 17.56
N SER A 341 1.22 -23.71 18.61
CA SER A 341 0.65 -23.98 19.96
C SER A 341 0.56 -22.66 20.77
#